data_6ZIN
#
_entry.id   6ZIN
#
_cell.length_a   212.980
_cell.length_b   37.150
_cell.length_c   91.210
_cell.angle_alpha   90.000
_cell.angle_beta   113.600
_cell.angle_gamma   90.000
#
_symmetry.space_group_name_H-M   'C 1 2 1'
#
loop_
_entity.id
_entity.type
_entity.pdbx_description
1 polymer 'Neurotensin receptor type 1,DARPin,HRV 3C protease recognition sequence'
2 non-polymer '2-[[1-(7-chloranylquinolin-4-yl)-5-(2,6-dimethoxyphenyl)pyrazol-3-yl]carbonylamino]adamantane-2-carboxylic acid'
#
_entity_poly.entity_id   1
_entity_poly.type   'polypeptide(L)'
_entity_poly.pdbx_seq_one_letter_code
;GPGSGPNSDLDVNTDIYSKVLVTAIYLALFVVGTVGNGVTLFTLARKKSLQSLQSRVDYYLGSLALSDLLILLFALPVDL
YNFIWVHHPWAFGDAGCKGYYFLREACTYATALNVVSLSVELYLAICHPFKAKTLMSRSRTKKFISAIWLASALLAIPML
FTMGLQNLSGDGTHPGGLVCTPIVDTATLRVVIQLNTFMSFLFPMLVASILNTVAARRLTVMVHQAAFNMTIEPGRVQAL
RRGVLVLRAVVIAFVVCWLPYHVRRLMFVYISDEQWTTALFDFYHYFYMLSNALVYVSAAINPILYNLAEDLVEDWEKAR
KLLEAARKGQDDEVRILLANGADVNTADETGFTPLHLAAWEGHLGIVEVLLKNGADVNANDERGHTPLHLAAYTGHLEIV
EVLLKNGAGVNATDVIGTAPLHLAAMWGHLEIVEVLLKNGADVNAQDKFGKTPFDLAIDNGNEDIAEVLQKAATRELEVL
FQ
;
_entity_poly.pdbx_strand_id   AAA
#
loop_
_chem_comp.id
_chem_comp.type
_chem_comp.name
_chem_comp.formula
Q6Q non-polymer '2-[[1-(7-chloranylquinolin-4-yl)-5-(2,6-dimethoxyphenyl)pyrazol-3-yl]carbonylamino]adamantane-2-carboxylic acid' 'C32 H31 Cl N4 O5'
#
# COMPACT_ATOMS: atom_id res chain seq x y z
N ILE A 16 -33.41 -8.35 24.71
CA ILE A 16 -34.11 -9.19 23.69
C ILE A 16 -33.97 -8.56 22.31
N TYR A 17 -34.20 -7.23 22.21
CA TYR A 17 -34.14 -6.43 20.96
C TYR A 17 -32.73 -6.52 20.35
N SER A 18 -31.69 -6.50 21.19
CA SER A 18 -30.25 -6.56 20.79
C SER A 18 -29.97 -7.89 20.07
N LYS A 19 -30.54 -8.99 20.56
CA LYS A 19 -30.38 -10.36 20.00
C LYS A 19 -30.58 -10.31 18.47
N VAL A 20 -31.67 -9.69 18.02
CA VAL A 20 -31.98 -9.46 16.57
C VAL A 20 -30.84 -8.68 15.94
N LEU A 21 -30.46 -7.54 16.53
CA LEU A 21 -29.39 -6.63 16.05
C LEU A 21 -28.09 -7.42 15.86
N VAL A 22 -27.69 -8.19 16.88
CA VAL A 22 -26.47 -9.06 16.87
C VAL A 22 -26.63 -10.09 15.75
N THR A 23 -27.78 -10.78 15.70
CA THR A 23 -28.12 -11.80 14.66
C THR A 23 -27.90 -11.22 13.27
N ALA A 24 -28.61 -10.14 12.94
CA ALA A 24 -28.52 -9.41 11.65
C ALA A 24 -27.05 -9.13 11.31
N ILE A 25 -26.29 -8.59 12.27
CA ILE A 25 -24.85 -8.27 12.13
C ILE A 25 -24.07 -9.57 11.92
N TYR A 26 -24.28 -10.57 12.77
CA TYR A 26 -23.57 -11.88 12.74
C TYR A 26 -23.85 -12.61 11.42
N LEU A 27 -25.11 -12.62 10.97
CA LEU A 27 -25.52 -13.23 9.68
C LEU A 27 -24.80 -12.51 8.54
N ALA A 28 -24.85 -11.17 8.52
CA ALA A 28 -24.20 -10.30 7.52
C ALA A 28 -22.70 -10.65 7.42
N LEU A 29 -22.01 -10.73 8.57
CA LEU A 29 -20.57 -11.09 8.66
C LEU A 29 -20.32 -12.45 7.99
N PHE A 30 -21.25 -13.39 8.14
CA PHE A 30 -21.15 -14.78 7.64
C PHE A 30 -21.16 -14.79 6.11
N VAL A 31 -22.22 -14.23 5.51
CA VAL A 31 -22.46 -14.30 4.03
C VAL A 31 -21.33 -13.55 3.31
N VAL A 32 -20.98 -12.34 3.76
CA VAL A 32 -19.95 -11.49 3.10
C VAL A 32 -18.56 -12.04 3.42
N GLY A 33 -18.39 -12.64 4.60
CA GLY A 33 -17.11 -13.21 5.06
C GLY A 33 -16.75 -14.48 4.32
N THR A 34 -17.71 -15.40 4.18
CA THR A 34 -17.55 -16.70 3.47
C THR A 34 -17.28 -16.43 1.98
N VAL A 35 -18.13 -15.63 1.34
CA VAL A 35 -18.04 -15.30 -0.11
C VAL A 35 -16.77 -14.49 -0.37
N GLY A 36 -16.46 -13.54 0.51
CA GLY A 36 -15.26 -12.69 0.43
C GLY A 36 -13.98 -13.53 0.38
N ASN A 37 -13.79 -14.37 1.41
CA ASN A 37 -12.59 -15.23 1.56
C ASN A 37 -12.56 -16.29 0.45
N GLY A 38 -13.73 -16.77 0.03
CA GLY A 38 -13.90 -17.74 -1.07
C GLY A 38 -13.41 -17.17 -2.39
N VAL A 39 -13.85 -15.95 -2.71
CA VAL A 39 -13.43 -15.18 -3.93
C VAL A 39 -11.91 -14.97 -3.87
N THR A 40 -11.40 -14.52 -2.71
CA THR A 40 -9.96 -14.27 -2.46
C THR A 40 -9.16 -15.55 -2.71
N LEU A 41 -9.66 -16.70 -2.22
CA LEU A 41 -9.01 -18.03 -2.36
C LEU A 41 -8.95 -18.43 -3.84
N PHE A 42 -10.06 -18.28 -4.57
CA PHE A 42 -10.19 -18.67 -6.00
C PHE A 42 -9.40 -17.69 -6.89
N THR A 43 -9.36 -16.41 -6.53
CA THR A 43 -8.62 -15.35 -7.28
C THR A 43 -7.13 -15.65 -7.24
N LEU A 44 -6.54 -15.74 -6.04
CA LEU A 44 -5.08 -15.97 -5.83
C LEU A 44 -4.65 -17.31 -6.46
N ALA A 45 -5.57 -18.25 -6.63
CA ALA A 45 -5.33 -19.59 -7.22
C ALA A 45 -5.00 -19.44 -8.70
N ARG A 46 -5.90 -18.83 -9.48
CA ARG A 46 -5.77 -18.59 -10.94
C ARG A 46 -4.56 -17.68 -11.19
N LYS A 47 -4.47 -16.60 -10.42
CA LYS A 47 -3.40 -15.56 -10.46
C LYS A 47 -2.03 -16.21 -10.64
N LYS A 48 -1.31 -15.83 -11.71
CA LYS A 48 0.08 -16.25 -12.02
C LYS A 48 0.93 -15.00 -12.27
N SER A 49 2.04 -14.85 -11.52
CA SER A 49 2.99 -13.71 -11.60
C SER A 49 4.34 -14.20 -12.12
N LEU A 50 5.05 -13.37 -12.89
CA LEU A 50 6.41 -13.66 -13.44
C LEU A 50 7.43 -13.63 -12.30
N GLN A 51 7.30 -12.67 -11.38
CA GLN A 51 8.16 -12.54 -10.16
C GLN A 51 7.74 -13.61 -9.16
N SER A 52 8.67 -14.52 -8.82
CA SER A 52 8.45 -15.70 -7.93
C SER A 52 7.89 -15.27 -6.58
N LEU A 53 8.55 -14.30 -5.93
CA LEU A 53 8.18 -13.81 -4.58
C LEU A 53 6.72 -13.32 -4.57
N GLN A 54 6.26 -12.71 -5.67
CA GLN A 54 4.85 -12.27 -5.82
C GLN A 54 3.92 -13.46 -5.60
N SER A 55 4.25 -14.61 -6.20
CA SER A 55 3.49 -15.88 -6.08
C SER A 55 3.54 -16.39 -4.64
N ARG A 56 4.75 -16.56 -4.11
CA ARG A 56 5.02 -17.15 -2.76
C ARG A 56 4.32 -16.30 -1.68
N VAL A 57 4.29 -14.97 -1.84
CA VAL A 57 3.53 -14.05 -0.95
C VAL A 57 2.04 -14.42 -1.02
N ASP A 58 1.51 -14.66 -2.22
CA ASP A 58 0.07 -14.92 -2.46
C ASP A 58 -0.33 -16.30 -1.92
N TYR A 59 0.63 -17.23 -1.81
CA TYR A 59 0.42 -18.58 -1.22
C TYR A 59 0.12 -18.43 0.27
N TYR A 60 0.89 -17.58 0.95
CA TYR A 60 0.71 -17.25 2.39
C TYR A 60 -0.59 -16.46 2.58
N LEU A 61 -0.93 -15.58 1.63
CA LEU A 61 -2.20 -14.78 1.66
C LEU A 61 -3.40 -15.71 1.42
N GLY A 62 -3.20 -16.83 0.73
CA GLY A 62 -4.23 -17.86 0.50
C GLY A 62 -4.59 -18.58 1.78
N SER A 63 -3.59 -19.09 2.51
CA SER A 63 -3.75 -19.89 3.76
C SER A 63 -4.31 -19.02 4.90
N LEU A 64 -4.12 -17.70 4.82
CA LEU A 64 -4.70 -16.72 5.80
C LEU A 64 -6.18 -16.50 5.49
N ALA A 65 -6.57 -16.53 4.21
CA ALA A 65 -7.97 -16.42 3.75
C ALA A 65 -8.72 -17.72 4.06
N LEU A 66 -8.06 -18.87 3.91
CA LEU A 66 -8.60 -20.21 4.25
C LEU A 66 -8.89 -20.28 5.75
N SER A 67 -7.90 -19.92 6.58
CA SER A 67 -8.01 -19.84 8.05
C SER A 67 -9.23 -18.99 8.45
N ASP A 68 -9.43 -17.85 7.80
CA ASP A 68 -10.56 -16.92 8.06
C ASP A 68 -11.89 -17.59 7.67
N LEU A 69 -11.93 -18.26 6.52
CA LEU A 69 -13.14 -18.94 5.97
C LEU A 69 -13.59 -20.06 6.92
N LEU A 70 -12.65 -20.92 7.34
CA LEU A 70 -12.92 -22.08 8.24
C LEU A 70 -13.63 -21.59 9.51
N ILE A 71 -13.10 -20.52 10.11
CA ILE A 71 -13.62 -19.92 11.39
C ILE A 71 -15.03 -19.37 11.15
N LEU A 72 -15.31 -18.83 9.96
CA LEU A 72 -16.62 -18.23 9.61
C LEU A 72 -17.66 -19.33 9.36
N LEU A 73 -17.26 -20.45 8.76
CA LEU A 73 -18.17 -21.57 8.40
C LEU A 73 -18.48 -22.41 9.63
N PHE A 74 -17.47 -22.79 10.41
CA PHE A 74 -17.52 -23.83 11.46
C PHE A 74 -17.81 -23.21 12.83
N ALA A 75 -17.08 -22.14 13.19
CA ALA A 75 -17.10 -21.53 14.55
C ALA A 75 -18.27 -20.56 14.69
N LEU A 76 -18.42 -19.60 13.79
CA LEU A 76 -19.41 -18.49 13.91
C LEU A 76 -20.80 -19.05 14.19
N PRO A 77 -21.31 -20.04 13.42
CA PRO A 77 -22.66 -20.55 13.64
C PRO A 77 -22.89 -21.06 15.07
N VAL A 78 -21.90 -21.75 15.64
CA VAL A 78 -21.94 -22.28 17.04
C VAL A 78 -22.11 -21.09 18.01
N ASP A 79 -21.33 -20.02 17.82
CA ASP A 79 -21.37 -18.81 18.67
C ASP A 79 -22.76 -18.18 18.63
N LEU A 80 -23.31 -17.98 17.43
CA LEU A 80 -24.61 -17.30 17.19
C LEU A 80 -25.74 -18.07 17.90
N TYR A 81 -25.65 -19.40 17.95
CA TYR A 81 -26.58 -20.29 18.71
C TYR A 81 -26.36 -20.05 20.21
N ASN A 82 -25.09 -20.07 20.65
CA ASN A 82 -24.65 -19.81 22.05
C ASN A 82 -25.10 -18.41 22.48
N PHE A 83 -25.12 -17.45 21.56
CA PHE A 83 -25.60 -16.05 21.78
C PHE A 83 -27.13 -16.03 21.76
N ILE A 84 -27.75 -16.61 20.73
CA ILE A 84 -29.23 -16.62 20.51
C ILE A 84 -29.91 -17.35 21.67
N TRP A 85 -29.51 -18.61 21.91
CA TRP A 85 -30.05 -19.48 23.00
C TRP A 85 -29.07 -19.47 24.19
N VAL A 86 -29.21 -18.48 25.08
CA VAL A 86 -28.37 -18.31 26.30
C VAL A 86 -28.88 -19.25 27.40
N HIS A 87 -27.98 -20.05 27.98
CA HIS A 87 -28.25 -21.00 29.10
C HIS A 87 -29.14 -22.16 28.61
N HIS A 88 -29.17 -22.41 27.30
CA HIS A 88 -29.85 -23.57 26.66
C HIS A 88 -28.85 -24.72 26.58
N PRO A 89 -29.32 -25.99 26.46
CA PRO A 89 -28.41 -27.14 26.40
C PRO A 89 -27.49 -27.09 25.17
N TRP A 90 -26.21 -27.43 25.34
CA TRP A 90 -25.21 -27.56 24.25
C TRP A 90 -25.73 -28.56 23.21
N ALA A 91 -26.26 -28.07 22.08
CA ALA A 91 -26.95 -28.86 21.04
C ALA A 91 -26.03 -29.06 19.83
N PHE A 92 -24.79 -29.50 20.07
CA PHE A 92 -23.82 -29.93 19.01
C PHE A 92 -23.09 -31.21 19.45
N GLY A 93 -23.53 -31.85 20.53
CA GLY A 93 -22.97 -33.12 21.04
C GLY A 93 -21.54 -32.97 21.51
N ASP A 94 -20.97 -34.03 22.10
CA ASP A 94 -19.58 -34.05 22.63
C ASP A 94 -18.59 -33.94 21.47
N ALA A 95 -18.98 -34.36 20.27
CA ALA A 95 -18.18 -34.28 19.03
C ALA A 95 -18.04 -32.81 18.61
N GLY A 96 -19.16 -32.09 18.47
CA GLY A 96 -19.19 -30.66 18.13
C GLY A 96 -18.47 -29.81 19.16
N CYS A 97 -18.64 -30.14 20.45
CA CYS A 97 -17.95 -29.50 21.60
C CYS A 97 -16.43 -29.58 21.39
N LYS A 98 -15.87 -30.80 21.39
CA LYS A 98 -14.42 -31.08 21.28
C LYS A 98 -13.88 -30.53 19.95
N GLY A 99 -14.70 -30.59 18.89
CA GLY A 99 -14.33 -30.17 17.52
C GLY A 99 -14.26 -28.66 17.36
N TYR A 100 -15.21 -27.93 17.97
CA TYR A 100 -15.32 -26.44 17.91
C TYR A 100 -14.00 -25.81 18.34
N TYR A 101 -13.40 -26.32 19.42
CA TYR A 101 -12.15 -25.77 20.03
C TYR A 101 -10.93 -26.30 19.30
N PHE A 102 -11.02 -27.49 18.70
CA PHE A 102 -9.94 -28.09 17.85
C PHE A 102 -9.69 -27.20 16.63
N LEU A 103 -10.77 -26.84 15.91
CA LEU A 103 -10.72 -26.02 14.68
C LEU A 103 -10.24 -24.61 15.04
N ARG A 104 -10.80 -24.01 16.09
CA ARG A 104 -10.47 -22.63 16.54
C ARG A 104 -8.99 -22.57 16.97
N GLU A 105 -8.46 -23.62 17.59
CA GLU A 105 -7.03 -23.70 18.01
C GLU A 105 -6.16 -24.01 16.78
N ALA A 106 -6.67 -24.82 15.84
CA ALA A 106 -5.95 -25.26 14.61
C ALA A 106 -5.72 -24.07 13.68
N CYS A 107 -6.65 -23.12 13.66
CA CYS A 107 -6.62 -21.89 12.80
C CYS A 107 -5.67 -20.84 13.38
N THR A 108 -5.64 -20.68 14.71
CA THR A 108 -4.77 -19.69 15.41
C THR A 108 -3.31 -20.05 15.21
N TYR A 109 -2.97 -21.36 15.17
CA TYR A 109 -1.60 -21.84 14.88
C TYR A 109 -1.28 -21.57 13.40
N ALA A 110 -2.15 -22.02 12.49
CA ALA A 110 -2.02 -21.87 11.02
C ALA A 110 -1.70 -20.42 10.65
N THR A 111 -2.49 -19.47 11.20
CA THR A 111 -2.33 -18.00 10.98
C THR A 111 -0.95 -17.54 11.47
N ALA A 112 -0.53 -18.00 12.66
CA ALA A 112 0.73 -17.61 13.33
C ALA A 112 1.94 -18.14 12.55
N LEU A 113 1.89 -19.39 12.11
CA LEU A 113 3.01 -20.05 11.37
C LEU A 113 3.13 -19.43 9.97
N ASN A 114 2.01 -18.98 9.40
CA ASN A 114 1.98 -18.32 8.06
C ASN A 114 2.70 -16.97 8.14
N VAL A 115 2.29 -16.11 9.08
CA VAL A 115 2.83 -14.72 9.21
C VAL A 115 4.32 -14.78 9.56
N VAL A 116 4.75 -15.83 10.26
CA VAL A 116 6.18 -16.05 10.62
C VAL A 116 6.93 -16.55 9.39
N SER A 117 6.39 -17.58 8.72
CA SER A 117 6.97 -18.20 7.50
C SER A 117 7.13 -17.13 6.42
N LEU A 118 6.10 -16.31 6.22
CA LEU A 118 6.05 -15.19 5.24
C LEU A 118 7.18 -14.19 5.54
N SER A 119 7.30 -13.78 6.80
CA SER A 119 8.26 -12.74 7.28
C SER A 119 9.71 -13.24 7.10
N VAL A 120 9.95 -14.54 7.30
CA VAL A 120 11.29 -15.18 7.12
C VAL A 120 11.65 -15.14 5.63
N GLU A 121 10.79 -15.68 4.76
CA GLU A 121 10.98 -15.69 3.28
C GLU A 121 11.28 -14.28 2.77
N LEU A 122 10.62 -13.27 3.36
CA LEU A 122 10.72 -11.85 2.94
C LEU A 122 11.95 -11.20 3.59
N TYR A 123 12.37 -11.67 4.77
CA TYR A 123 13.64 -11.25 5.42
C TYR A 123 14.81 -11.78 4.59
N LEU A 124 14.81 -13.09 4.33
CA LEU A 124 15.87 -13.79 3.55
C LEU A 124 16.04 -13.11 2.19
N ALA A 125 14.93 -12.80 1.52
CA ALA A 125 14.90 -12.14 0.19
C ALA A 125 15.80 -10.90 0.21
N ILE A 126 15.58 -10.00 1.17
CA ILE A 126 16.21 -8.65 1.25
C ILE A 126 17.63 -8.77 1.82
N CYS A 127 17.80 -9.54 2.90
CA CYS A 127 19.00 -9.51 3.77
C CYS A 127 19.99 -10.64 3.45
N HIS A 128 19.55 -11.71 2.79
CA HIS A 128 20.40 -12.85 2.34
C HIS A 128 19.97 -13.28 0.94
N PRO A 129 20.04 -12.38 -0.08
CA PRO A 129 19.48 -12.67 -1.40
C PRO A 129 20.16 -13.85 -2.11
N PHE A 130 21.49 -13.95 -1.99
CA PHE A 130 22.34 -14.98 -2.65
C PHE A 130 22.41 -16.24 -1.77
N LYS A 131 21.75 -16.21 -0.60
CA LYS A 131 21.42 -17.41 0.22
C LYS A 131 19.95 -17.79 -0.03
N ALA A 132 19.10 -16.80 -0.35
CA ALA A 132 17.66 -16.97 -0.66
C ALA A 132 17.48 -17.63 -2.03
N LYS A 133 18.22 -17.15 -3.03
CA LYS A 133 18.18 -17.64 -4.44
C LYS A 133 18.41 -19.16 -4.46
N THR A 134 19.30 -19.65 -3.58
CA THR A 134 19.74 -21.08 -3.53
C THR A 134 18.83 -21.91 -2.63
N LEU A 135 17.90 -21.28 -1.90
CA LEU A 135 17.02 -21.96 -0.89
C LEU A 135 15.55 -21.97 -1.34
N MET A 136 15.04 -20.85 -1.86
CA MET A 136 13.59 -20.57 -2.03
C MET A 136 13.10 -21.02 -3.41
N SER A 137 11.82 -21.40 -3.48
CA SER A 137 11.11 -21.87 -4.70
C SER A 137 9.60 -21.91 -4.43
N ARG A 138 8.78 -21.63 -5.45
CA ARG A 138 7.29 -21.70 -5.40
C ARG A 138 6.88 -23.08 -4.88
N SER A 139 7.46 -24.14 -5.44
CA SER A 139 7.18 -25.56 -5.11
C SER A 139 7.44 -25.83 -3.62
N ARG A 140 8.58 -25.36 -3.11
CA ARG A 140 9.02 -25.56 -1.69
C ARG A 140 8.05 -24.84 -0.76
N THR A 141 7.67 -23.61 -1.08
CA THR A 141 6.70 -22.77 -0.32
C THR A 141 5.35 -23.50 -0.24
N LYS A 142 4.87 -24.01 -1.36
CA LYS A 142 3.58 -24.75 -1.47
C LYS A 142 3.65 -26.00 -0.57
N LYS A 143 4.70 -26.81 -0.72
CA LYS A 143 4.96 -28.04 0.07
C LYS A 143 5.11 -27.70 1.55
N PHE A 144 5.71 -26.55 1.87
CA PHE A 144 5.96 -26.09 3.27
C PHE A 144 4.66 -25.63 3.92
N ILE A 145 3.79 -24.95 3.17
CA ILE A 145 2.49 -24.41 3.68
C ILE A 145 1.58 -25.59 4.06
N SER A 146 1.79 -26.77 3.46
CA SER A 146 1.12 -28.04 3.84
C SER A 146 1.56 -28.45 5.24
N ALA A 147 2.89 -28.45 5.50
CA ALA A 147 3.50 -28.74 6.81
C ALA A 147 2.92 -27.82 7.88
N ILE A 148 2.74 -26.53 7.54
CA ILE A 148 2.12 -25.50 8.42
C ILE A 148 0.75 -26.01 8.90
N TRP A 149 -0.10 -26.46 7.97
CA TRP A 149 -1.49 -26.93 8.26
C TRP A 149 -1.46 -28.27 9.00
N LEU A 150 -0.45 -29.11 8.76
CA LEU A 150 -0.23 -30.37 9.52
C LEU A 150 0.09 -30.03 10.97
N ALA A 151 1.21 -29.33 11.21
CA ALA A 151 1.65 -28.85 12.55
C ALA A 151 0.44 -28.25 13.28
N SER A 152 -0.27 -27.33 12.63
CA SER A 152 -1.49 -26.65 13.14
C SER A 152 -2.51 -27.68 13.66
N ALA A 153 -2.72 -28.77 12.91
CA ALA A 153 -3.68 -29.85 13.23
C ALA A 153 -3.17 -30.68 14.42
N LEU A 154 -1.86 -30.95 14.47
CA LEU A 154 -1.21 -31.75 15.54
C LEU A 154 -1.16 -30.94 16.84
N LEU A 155 -0.91 -29.63 16.73
CA LEU A 155 -0.84 -28.69 17.89
C LEU A 155 -2.25 -28.48 18.48
N ALA A 156 -3.30 -28.72 17.68
CA ALA A 156 -4.72 -28.51 18.07
C ALA A 156 -5.30 -29.76 18.74
N ILE A 157 -4.63 -30.91 18.60
CA ILE A 157 -5.09 -32.25 19.10
C ILE A 157 -5.33 -32.20 20.61
N PRO A 158 -4.41 -31.62 21.42
CA PRO A 158 -4.64 -31.47 22.87
C PRO A 158 -5.97 -30.83 23.30
N MET A 159 -6.57 -29.98 22.47
CA MET A 159 -7.86 -29.29 22.78
C MET A 159 -9.04 -30.26 22.65
N LEU A 160 -8.83 -31.43 22.03
CA LEU A 160 -9.83 -32.52 21.96
C LEU A 160 -10.04 -33.12 23.35
N PHE A 161 -9.00 -33.12 24.19
CA PHE A 161 -8.96 -33.78 25.52
C PHE A 161 -9.28 -32.77 26.64
N THR A 162 -8.99 -31.48 26.43
CA THR A 162 -9.20 -30.42 27.44
C THR A 162 -10.70 -30.14 27.61
N MET A 163 -11.44 -30.03 26.50
CA MET A 163 -12.87 -29.64 26.47
C MET A 163 -13.76 -30.90 26.34
N GLY A 164 -14.97 -30.84 26.92
CA GLY A 164 -15.94 -31.96 26.91
C GLY A 164 -17.34 -31.51 27.31
N LEU A 165 -18.29 -32.45 27.33
CA LEU A 165 -19.73 -32.21 27.63
C LEU A 165 -20.05 -32.66 29.07
N GLN A 166 -20.89 -31.92 29.78
CA GLN A 166 -21.26 -32.19 31.21
C GLN A 166 -22.65 -31.63 31.51
N ASN A 167 -23.18 -31.96 32.70
CA ASN A 167 -24.50 -31.48 33.22
C ASN A 167 -24.36 -31.09 34.69
N LEU A 178 -26.65 -29.08 29.86
CA LEU A 178 -25.54 -29.49 28.95
C LEU A 178 -24.59 -28.31 28.74
N VAL A 179 -23.33 -28.46 29.11
CA VAL A 179 -22.26 -27.42 28.97
C VAL A 179 -21.03 -28.06 28.32
N CYS A 180 -20.53 -27.46 27.23
CA CYS A 180 -19.21 -27.77 26.62
C CYS A 180 -18.13 -27.09 27.46
N THR A 181 -17.75 -27.72 28.56
CA THR A 181 -16.90 -27.15 29.65
C THR A 181 -15.60 -27.97 29.72
N PRO A 182 -14.49 -27.38 30.23
CA PRO A 182 -13.24 -28.14 30.40
C PRO A 182 -13.45 -29.44 31.20
N ILE A 183 -12.86 -30.54 30.73
CA ILE A 183 -12.90 -31.88 31.38
C ILE A 183 -11.51 -32.19 31.97
N VAL A 184 -10.78 -31.16 32.40
CA VAL A 184 -9.40 -31.28 32.97
C VAL A 184 -9.19 -30.19 34.04
N ASP A 185 -8.21 -30.39 34.93
CA ASP A 185 -7.87 -29.50 36.07
C ASP A 185 -7.42 -28.14 35.52
N THR A 186 -7.69 -27.06 36.27
CA THR A 186 -7.31 -25.66 35.93
C THR A 186 -5.80 -25.53 35.79
N ALA A 187 -5.03 -26.36 36.51
CA ALA A 187 -3.55 -26.45 36.45
C ALA A 187 -3.12 -26.86 35.04
N THR A 188 -3.59 -28.02 34.58
CA THR A 188 -3.28 -28.60 33.24
C THR A 188 -3.84 -27.70 32.14
N LEU A 189 -4.97 -27.01 32.41
CA LEU A 189 -5.66 -26.09 31.46
C LEU A 189 -4.87 -24.78 31.36
N ARG A 190 -4.32 -24.28 32.48
CA ARG A 190 -3.50 -23.05 32.55
C ARG A 190 -2.23 -23.22 31.68
N VAL A 191 -1.72 -24.44 31.57
CA VAL A 191 -0.51 -24.79 30.78
C VAL A 191 -0.80 -24.59 29.29
N VAL A 192 -1.83 -25.27 28.76
CA VAL A 192 -2.16 -25.29 27.30
C VAL A 192 -2.52 -23.87 26.85
N ILE A 193 -3.33 -23.14 27.62
CA ILE A 193 -3.74 -21.74 27.29
C ILE A 193 -2.47 -20.86 27.19
N GLN A 194 -1.52 -21.06 28.10
CA GLN A 194 -0.23 -20.33 28.14
C GLN A 194 0.63 -20.72 26.93
N LEU A 195 0.77 -22.03 26.66
CA LEU A 195 1.58 -22.58 25.53
C LEU A 195 0.98 -22.14 24.19
N ASN A 196 -0.35 -22.09 24.09
CA ASN A 196 -1.10 -21.60 22.92
C ASN A 196 -0.73 -20.14 22.64
N THR A 197 -1.01 -19.25 23.60
CA THR A 197 -0.83 -17.78 23.50
C THR A 197 0.64 -17.44 23.20
N PHE A 198 1.60 -18.26 23.63
CA PHE A 198 3.05 -18.00 23.49
C PHE A 198 3.51 -18.14 22.04
N MET A 199 3.03 -19.15 21.31
CA MET A 199 3.54 -19.50 19.95
C MET A 199 2.40 -19.59 18.92
N SER A 200 1.17 -19.21 19.27
CA SER A 200 0.08 -18.86 18.33
C SER A 200 -0.11 -17.34 18.32
N PHE A 201 0.68 -16.63 19.15
CA PHE A 201 0.73 -15.15 19.30
C PHE A 201 2.01 -14.83 20.08
N LEU A 202 2.42 -13.57 20.14
CA LEU A 202 3.56 -13.09 20.97
C LEU A 202 4.89 -13.49 20.32
N PHE A 203 5.18 -14.80 20.19
CA PHE A 203 6.38 -15.31 19.47
C PHE A 203 6.31 -14.88 18.00
N PRO A 204 5.24 -15.20 17.25
CA PRO A 204 5.08 -14.71 15.89
C PRO A 204 5.14 -13.17 15.81
N MET A 205 4.38 -12.48 16.66
CA MET A 205 4.37 -10.99 16.77
C MET A 205 5.81 -10.48 16.92
N LEU A 206 6.56 -11.03 17.87
CA LEU A 206 7.95 -10.61 18.21
C LEU A 206 8.89 -10.92 17.02
N VAL A 207 8.75 -12.09 16.40
CA VAL A 207 9.59 -12.56 15.27
C VAL A 207 9.25 -11.74 14.01
N ALA A 208 7.95 -11.59 13.70
CA ALA A 208 7.45 -10.85 12.51
C ALA A 208 7.96 -9.40 12.54
N SER A 209 7.80 -8.71 13.67
CA SER A 209 8.15 -7.27 13.84
C SER A 209 9.66 -7.08 13.77
N ILE A 210 10.46 -7.97 14.37
CA ILE A 210 11.95 -7.90 14.35
C ILE A 210 12.44 -8.06 12.91
N LEU A 211 12.04 -9.15 12.24
CA LEU A 211 12.49 -9.52 10.88
C LEU A 211 12.03 -8.48 9.85
N ASN A 212 10.76 -8.06 9.92
CA ASN A 212 10.16 -7.09 8.98
C ASN A 212 10.82 -5.72 9.16
N THR A 213 11.17 -5.36 10.41
CA THR A 213 11.89 -4.10 10.76
C THR A 213 13.28 -4.13 10.10
N VAL A 214 14.12 -5.09 10.50
CA VAL A 214 15.52 -5.27 9.99
C VAL A 214 15.49 -5.24 8.46
N ALA A 215 14.54 -5.96 7.84
CA ALA A 215 14.38 -6.10 6.37
C ALA A 215 14.01 -4.75 5.75
N ALA A 216 12.97 -4.10 6.28
CA ALA A 216 12.43 -2.80 5.81
C ALA A 216 13.53 -1.74 5.84
N ARG A 217 14.33 -1.70 6.92
CA ARG A 217 15.46 -0.76 7.08
C ARG A 217 16.48 -0.99 5.95
N ARG A 218 16.87 -2.26 5.73
CA ARG A 218 17.80 -2.67 4.64
C ARG A 218 17.21 -2.27 3.28
N LEU A 219 15.90 -2.45 3.10
CA LEU A 219 15.17 -2.16 1.84
C LEU A 219 15.30 -0.68 1.49
N THR A 220 14.96 0.21 2.43
CA THR A 220 14.97 1.69 2.25
C THR A 220 16.41 2.16 1.97
N VAL A 221 17.41 1.43 2.46
CA VAL A 221 18.86 1.68 2.18
C VAL A 221 19.18 1.24 0.76
N MET A 222 18.72 0.06 0.34
CA MET A 222 18.98 -0.54 -0.99
C MET A 222 18.44 0.36 -2.10
N VAL A 223 17.38 1.14 -1.82
CA VAL A 223 16.86 2.22 -2.72
C VAL A 223 17.90 3.34 -2.81
N HIS A 224 18.45 3.76 -1.67
CA HIS A 224 19.51 4.81 -1.55
C HIS A 224 20.88 4.19 -1.86
N PRO A 234 15.32 -5.56 -10.83
CA PRO A 234 14.28 -4.51 -10.85
C PRO A 234 12.86 -5.08 -10.71
N GLY A 235 12.51 -6.09 -11.52
CA GLY A 235 11.25 -6.86 -11.40
C GLY A 235 11.13 -7.49 -10.02
N ARG A 236 12.23 -8.07 -9.53
CA ARG A 236 12.34 -8.65 -8.16
C ARG A 236 12.23 -7.52 -7.13
N VAL A 237 12.95 -6.41 -7.35
CA VAL A 237 13.02 -5.24 -6.42
C VAL A 237 11.61 -4.69 -6.20
N GLN A 238 10.80 -4.61 -7.26
CA GLN A 238 9.38 -4.17 -7.22
C GLN A 238 8.60 -5.07 -6.26
N ALA A 239 8.72 -6.40 -6.42
CA ALA A 239 8.02 -7.43 -5.61
C ALA A 239 8.30 -7.20 -4.11
N LEU A 240 9.56 -6.94 -3.76
CA LEU A 240 10.01 -6.76 -2.34
C LEU A 240 9.20 -5.65 -1.68
N ARG A 241 9.13 -4.47 -2.31
CA ARG A 241 8.39 -3.29 -1.81
C ARG A 241 6.91 -3.66 -1.62
N ARG A 242 6.34 -4.42 -2.55
CA ARG A 242 4.94 -4.94 -2.47
C ARG A 242 4.82 -5.90 -1.28
N GLY A 243 5.71 -6.89 -1.20
CA GLY A 243 5.73 -7.92 -0.15
C GLY A 243 5.88 -7.32 1.23
N VAL A 244 6.75 -6.32 1.40
CA VAL A 244 7.04 -5.64 2.70
C VAL A 244 5.80 -4.87 3.14
N LEU A 245 5.11 -4.21 2.20
CA LEU A 245 3.81 -3.51 2.44
C LEU A 245 2.78 -4.54 2.93
N VAL A 246 2.57 -5.60 2.14
CA VAL A 246 1.63 -6.72 2.44
C VAL A 246 1.89 -7.22 3.86
N LEU A 247 3.16 -7.54 4.19
CA LEU A 247 3.56 -8.15 5.49
C LEU A 247 3.27 -7.18 6.63
N ARG A 248 3.50 -5.88 6.44
CA ARG A 248 3.23 -4.85 7.48
C ARG A 248 1.71 -4.67 7.65
N ALA A 249 0.93 -4.88 6.58
CA ALA A 249 -0.55 -4.77 6.57
C ALA A 249 -1.16 -5.95 7.33
N VAL A 250 -0.73 -7.18 7.04
CA VAL A 250 -1.28 -8.43 7.65
C VAL A 250 -0.84 -8.50 9.12
N VAL A 251 0.38 -8.06 9.44
CA VAL A 251 0.94 -8.06 10.82
C VAL A 251 0.12 -7.10 11.69
N ILE A 252 -0.24 -5.93 11.16
CA ILE A 252 -1.07 -4.91 11.88
C ILE A 252 -2.51 -5.46 12.02
N ALA A 253 -3.03 -6.11 10.98
CA ALA A 253 -4.37 -6.74 10.94
C ALA A 253 -4.43 -7.92 11.93
N PHE A 254 -3.30 -8.59 12.15
CA PHE A 254 -3.17 -9.80 13.02
C PHE A 254 -3.23 -9.40 14.50
N VAL A 255 -2.64 -8.25 14.87
CA VAL A 255 -2.56 -7.78 16.28
C VAL A 255 -3.92 -7.21 16.70
N VAL A 256 -4.53 -6.34 15.89
CA VAL A 256 -5.83 -5.67 16.18
C VAL A 256 -6.91 -6.73 16.43
N CYS A 257 -6.86 -7.85 15.71
CA CYS A 257 -7.86 -8.94 15.74
C CYS A 257 -7.64 -9.86 16.94
N TRP A 258 -6.42 -10.40 17.09
CA TRP A 258 -6.12 -11.56 17.97
C TRP A 258 -5.62 -11.12 19.35
N LEU A 259 -5.25 -9.85 19.53
CA LEU A 259 -4.70 -9.35 20.83
C LEU A 259 -5.80 -9.37 21.89
N PRO A 260 -6.96 -8.69 21.70
CA PRO A 260 -7.99 -8.65 22.74
C PRO A 260 -8.49 -10.07 23.08
N TYR A 261 -8.52 -10.95 22.08
CA TYR A 261 -8.83 -12.39 22.19
C TYR A 261 -7.79 -13.07 23.09
N HIS A 262 -6.50 -12.98 22.72
CA HIS A 262 -5.36 -13.62 23.45
C HIS A 262 -5.19 -12.96 24.82
N VAL A 263 -5.48 -11.65 24.93
CA VAL A 263 -5.53 -10.91 26.22
C VAL A 263 -6.60 -11.57 27.10
N ARG A 264 -7.80 -11.75 26.56
CA ARG A 264 -8.97 -12.38 27.23
C ARG A 264 -8.58 -13.77 27.73
N ARG A 265 -7.95 -14.58 26.89
CA ARG A 265 -7.43 -15.93 27.24
C ARG A 265 -6.46 -15.82 28.42
N LEU A 266 -5.49 -14.90 28.33
CA LEU A 266 -4.41 -14.69 29.33
C LEU A 266 -5.01 -14.33 30.70
N MET A 267 -6.18 -13.68 30.72
CA MET A 267 -6.92 -13.30 31.96
C MET A 267 -7.35 -14.57 32.70
N PHE A 268 -7.94 -15.53 31.99
CA PHE A 268 -8.42 -16.83 32.54
C PHE A 268 -7.30 -17.48 33.36
N VAL A 269 -6.07 -17.40 32.87
CA VAL A 269 -4.86 -18.07 33.45
C VAL A 269 -4.55 -17.45 34.82
N TYR A 270 -4.55 -16.11 34.90
CA TYR A 270 -4.09 -15.33 36.08
C TYR A 270 -5.27 -14.93 36.97
N ILE A 271 -6.22 -14.16 36.43
CA ILE A 271 -7.40 -13.62 37.17
C ILE A 271 -8.35 -14.78 37.49
N THR A 278 -17.23 -8.56 42.00
CA THR A 278 -17.13 -7.06 41.96
C THR A 278 -18.24 -6.49 41.09
N ALA A 279 -18.37 -5.16 41.05
CA ALA A 279 -19.34 -4.40 40.25
C ALA A 279 -18.87 -4.36 38.78
N LEU A 280 -17.55 -4.26 38.57
CA LEU A 280 -16.91 -4.16 37.22
C LEU A 280 -16.80 -5.55 36.58
N PHE A 281 -17.02 -6.62 37.34
CA PHE A 281 -17.04 -8.03 36.85
C PHE A 281 -18.03 -8.18 35.70
N ASP A 282 -19.22 -7.57 35.84
CA ASP A 282 -20.27 -7.52 34.78
C ASP A 282 -19.80 -6.62 33.63
N PHE A 283 -18.97 -5.60 33.93
CA PHE A 283 -18.39 -4.66 32.94
C PHE A 283 -17.24 -5.30 32.16
N TYR A 284 -16.55 -6.28 32.78
CA TYR A 284 -15.42 -7.05 32.18
C TYR A 284 -15.98 -8.22 31.35
N HIS A 285 -17.27 -8.54 31.54
CA HIS A 285 -18.03 -9.55 30.75
C HIS A 285 -18.16 -9.06 29.31
N TYR A 286 -18.34 -7.75 29.11
CA TYR A 286 -18.47 -7.08 27.79
C TYR A 286 -17.22 -7.31 26.95
N PHE A 287 -16.04 -7.39 27.57
CA PHE A 287 -14.72 -7.58 26.91
C PHE A 287 -14.67 -8.95 26.22
N TYR A 288 -15.05 -10.00 26.95
CA TYR A 288 -15.16 -11.40 26.45
C TYR A 288 -15.99 -11.41 25.16
N MET A 289 -17.19 -10.82 25.22
CA MET A 289 -18.17 -10.74 24.10
C MET A 289 -17.54 -9.97 22.92
N LEU A 290 -16.90 -8.83 23.22
CA LEU A 290 -16.32 -7.91 22.21
C LEU A 290 -15.14 -8.58 21.50
N SER A 291 -14.38 -9.43 22.19
CA SER A 291 -13.16 -10.10 21.66
C SER A 291 -13.53 -11.15 20.61
N ASN A 292 -14.63 -11.87 20.82
CA ASN A 292 -15.15 -12.92 19.89
C ASN A 292 -15.56 -12.25 18.57
N ALA A 293 -16.49 -11.28 18.63
CA ALA A 293 -16.99 -10.51 17.47
C ALA A 293 -15.82 -9.99 16.64
N LEU A 294 -14.76 -9.49 17.30
CA LEU A 294 -13.59 -8.85 16.65
C LEU A 294 -12.91 -9.84 15.68
N VAL A 295 -12.69 -11.08 16.14
CA VAL A 295 -12.10 -12.17 15.30
C VAL A 295 -12.94 -12.35 14.04
N TYR A 296 -14.27 -12.35 14.19
CA TYR A 296 -15.26 -12.59 13.09
C TYR A 296 -15.31 -11.37 12.17
N VAL A 297 -15.54 -10.17 12.73
CA VAL A 297 -15.65 -8.91 11.94
C VAL A 297 -14.41 -8.78 11.06
N SER A 298 -13.22 -8.82 11.67
CA SER A 298 -11.90 -8.76 10.97
C SER A 298 -11.88 -9.77 9.82
N ALA A 299 -12.16 -11.04 10.12
CA ALA A 299 -12.10 -12.19 9.17
C ALA A 299 -13.02 -11.95 7.96
N ALA A 300 -14.10 -11.18 8.16
CA ALA A 300 -15.14 -10.89 7.14
C ALA A 300 -14.76 -9.64 6.32
N ILE A 301 -14.18 -8.62 6.96
CA ILE A 301 -13.88 -7.29 6.32
C ILE A 301 -12.53 -7.34 5.59
N ASN A 302 -11.57 -8.13 6.10
CA ASN A 302 -10.17 -8.19 5.58
C ASN A 302 -10.18 -8.36 4.06
N PRO A 303 -10.91 -9.34 3.48
CA PRO A 303 -10.99 -9.45 2.01
C PRO A 303 -11.48 -8.16 1.34
N ILE A 304 -12.63 -7.62 1.79
CA ILE A 304 -13.22 -6.34 1.29
C ILE A 304 -12.20 -5.20 1.48
N LEU A 305 -11.42 -5.25 2.58
CA LEU A 305 -10.37 -4.24 2.91
C LEU A 305 -9.17 -4.41 1.96
N TYR A 306 -8.44 -5.52 2.08
CA TYR A 306 -7.20 -5.82 1.31
C TYR A 306 -7.38 -5.37 -0.15
N ASN A 307 -8.45 -5.82 -0.80
CA ASN A 307 -8.77 -5.51 -2.22
C ASN A 307 -8.94 -3.99 -2.40
N LEU A 308 -9.64 -3.33 -1.48
CA LEU A 308 -9.83 -1.85 -1.48
C LEU A 308 -8.46 -1.15 -1.39
N ALA A 309 -7.61 -1.60 -0.45
CA ALA A 309 -6.27 -1.03 -0.16
C ALA A 309 -5.31 -1.35 -1.31
N GLU A 310 -5.36 -2.58 -1.85
CA GLU A 310 -4.47 -3.05 -2.95
C GLU A 310 -4.67 -2.18 -4.19
N ASP A 311 -5.93 -1.88 -4.53
CA ASP A 311 -6.31 -1.04 -5.71
C ASP A 311 -5.65 0.34 -5.60
N LEU A 312 -5.81 0.99 -4.45
CA LEU A 312 -5.26 2.35 -4.17
C LEU A 312 -3.74 2.35 -4.35
N VAL A 313 -3.03 1.52 -3.59
CA VAL A 313 -1.53 1.44 -3.61
C VAL A 313 -1.08 0.94 -4.99
N GLU A 314 -1.88 0.07 -5.64
CA GLU A 314 -1.62 -0.45 -7.01
C GLU A 314 -1.43 0.72 -7.97
N ASP A 315 -2.33 1.72 -7.93
CA ASP A 315 -2.30 2.92 -8.79
C ASP A 315 -1.28 3.91 -8.24
N TRP A 316 -1.19 4.06 -6.90
CA TRP A 316 -0.23 4.97 -6.22
C TRP A 316 1.21 4.61 -6.62
N GLU A 317 1.50 3.32 -6.84
CA GLU A 317 2.83 2.80 -7.25
C GLU A 317 3.08 3.17 -8.73
N LYS A 318 2.08 3.01 -9.59
CA LYS A 318 2.15 3.33 -11.04
C LYS A 318 2.50 4.81 -11.22
N ALA A 319 1.74 5.69 -10.56
CA ALA A 319 1.89 7.17 -10.59
C ALA A 319 3.28 7.57 -10.09
N ARG A 320 3.75 6.94 -9.00
CA ARG A 320 5.08 7.17 -8.38
C ARG A 320 6.18 6.74 -9.36
N LYS A 321 5.97 5.60 -10.03
CA LYS A 321 6.90 5.02 -11.03
C LYS A 321 7.05 5.98 -12.21
N LEU A 322 5.94 6.55 -12.69
CA LEU A 322 5.89 7.45 -13.87
C LEU A 322 6.74 8.70 -13.60
N LEU A 323 6.54 9.34 -12.44
CA LEU A 323 7.28 10.55 -12.01
C LEU A 323 8.79 10.25 -11.98
N GLU A 324 9.18 9.14 -11.35
CA GLU A 324 10.59 8.66 -11.27
C GLU A 324 11.15 8.46 -12.68
N ALA A 325 10.42 7.72 -13.53
CA ALA A 325 10.80 7.35 -14.92
C ALA A 325 11.00 8.61 -15.75
N ALA A 326 10.09 9.59 -15.62
CA ALA A 326 10.09 10.87 -16.37
C ALA A 326 11.33 11.69 -16.02
N ARG A 327 11.62 11.88 -14.72
CA ARG A 327 12.76 12.68 -14.20
C ARG A 327 14.08 11.97 -14.50
N LYS A 328 14.15 10.66 -14.24
CA LYS A 328 15.35 9.81 -14.45
C LYS A 328 15.78 9.86 -15.92
N GLY A 329 14.81 9.69 -16.84
CA GLY A 329 15.03 9.72 -18.30
C GLY A 329 14.84 8.34 -18.94
N GLN A 330 14.32 7.37 -18.19
CA GLN A 330 13.96 6.03 -18.72
C GLN A 330 12.73 6.17 -19.63
N ASP A 331 12.94 6.64 -20.86
CA ASP A 331 11.89 6.83 -21.89
C ASP A 331 11.16 5.51 -22.14
N ASP A 332 11.87 4.38 -22.01
CA ASP A 332 11.32 3.01 -22.16
C ASP A 332 10.26 2.76 -21.08
N GLU A 333 10.64 2.90 -19.81
CA GLU A 333 9.79 2.67 -18.61
C GLU A 333 8.49 3.47 -18.73
N VAL A 334 8.58 4.73 -19.13
CA VAL A 334 7.42 5.67 -19.30
C VAL A 334 6.40 5.03 -20.26
N ARG A 335 6.85 4.66 -21.46
CA ARG A 335 6.00 4.03 -22.51
C ARG A 335 5.14 2.93 -21.88
N ILE A 336 5.79 1.99 -21.17
CA ILE A 336 5.14 0.82 -20.49
C ILE A 336 4.06 1.32 -19.52
N LEU A 337 4.40 2.27 -18.65
CA LEU A 337 3.52 2.77 -17.55
C LEU A 337 2.26 3.41 -18.13
N LEU A 338 2.38 4.18 -19.22
CA LEU A 338 1.24 4.92 -19.83
C LEU A 338 0.22 3.93 -20.41
N ALA A 339 0.70 2.85 -21.05
CA ALA A 339 -0.12 1.75 -21.59
C ALA A 339 -0.82 1.02 -20.43
N ASN A 340 -0.04 0.65 -19.41
CA ASN A 340 -0.50 -0.01 -18.15
C ASN A 340 -1.73 0.74 -17.61
N GLY A 341 -1.73 2.07 -17.67
CA GLY A 341 -2.85 2.94 -17.26
C GLY A 341 -2.44 3.94 -16.18
N ALA A 342 -1.18 4.39 -16.19
CA ALA A 342 -0.65 5.43 -15.28
C ALA A 342 -1.27 6.78 -15.66
N ASP A 343 -1.53 7.64 -14.67
CA ASP A 343 -2.13 8.99 -14.85
C ASP A 343 -1.07 9.92 -15.45
N VAL A 344 -1.31 10.38 -16.68
CA VAL A 344 -0.40 11.29 -17.45
C VAL A 344 -0.23 12.61 -16.67
N ASN A 345 -1.25 13.02 -15.90
CA ASN A 345 -1.29 14.30 -15.16
C ASN A 345 -1.19 14.05 -13.65
N THR A 346 -0.25 13.18 -13.24
CA THR A 346 0.14 12.96 -11.81
C THR A 346 0.79 14.24 -11.29
N ALA A 347 0.96 14.38 -9.97
CA ALA A 347 1.66 15.52 -9.33
C ALA A 347 2.49 15.05 -8.14
N ASP A 348 3.47 15.86 -7.74
CA ASP A 348 4.31 15.67 -6.51
C ASP A 348 3.61 16.36 -5.33
N GLU A 349 4.24 16.33 -4.15
CA GLU A 349 3.92 17.19 -2.98
C GLU A 349 4.04 18.65 -3.40
N THR A 350 5.05 18.97 -4.23
CA THR A 350 5.34 20.31 -4.79
C THR A 350 4.29 20.68 -5.86
N GLY A 351 3.80 19.68 -6.59
CA GLY A 351 2.85 19.84 -7.72
C GLY A 351 3.56 19.68 -9.06
N PHE A 352 4.72 19.00 -9.07
CA PHE A 352 5.52 18.67 -10.27
C PHE A 352 4.89 17.47 -10.99
N THR A 353 4.24 17.72 -12.13
CA THR A 353 3.74 16.67 -13.07
C THR A 353 4.97 16.02 -13.73
N PRO A 354 4.80 14.85 -14.40
CA PRO A 354 5.90 14.26 -15.18
C PRO A 354 6.47 15.25 -16.22
N LEU A 355 5.58 15.96 -16.94
CA LEU A 355 5.94 16.92 -18.02
C LEU A 355 6.85 18.03 -17.45
N HIS A 356 6.63 18.44 -16.20
CA HIS A 356 7.50 19.42 -15.47
C HIS A 356 8.91 18.86 -15.35
N LEU A 357 9.04 17.60 -14.91
CA LEU A 357 10.33 16.91 -14.61
C LEU A 357 11.08 16.63 -15.92
N ALA A 358 10.40 16.10 -16.93
CA ALA A 358 10.96 15.77 -18.26
C ALA A 358 11.48 17.05 -18.92
N ALA A 359 10.69 18.13 -18.89
CA ALA A 359 11.03 19.47 -19.42
C ALA A 359 12.22 20.05 -18.64
N TRP A 360 12.23 19.86 -17.31
CA TRP A 360 13.29 20.35 -16.40
C TRP A 360 14.60 19.58 -16.67
N GLU A 361 14.54 18.25 -16.72
CA GLU A 361 15.71 17.37 -16.93
C GLU A 361 16.10 17.37 -18.41
N GLY A 362 15.20 17.79 -19.29
CA GLY A 362 15.48 18.02 -20.72
C GLY A 362 15.37 16.74 -21.53
N HIS A 363 14.36 15.91 -21.26
CA HIS A 363 14.10 14.61 -21.94
C HIS A 363 13.01 14.80 -23.01
N LEU A 364 13.40 15.33 -24.17
CA LEU A 364 12.50 15.72 -25.29
C LEU A 364 11.63 14.54 -25.72
N GLY A 365 12.19 13.33 -25.77
CA GLY A 365 11.45 12.10 -26.10
C GLY A 365 10.26 11.92 -25.16
N ILE A 366 10.51 12.02 -23.85
CA ILE A 366 9.49 11.84 -22.77
C ILE A 366 8.48 12.99 -22.84
N VAL A 367 8.94 14.23 -23.03
CA VAL A 367 8.07 15.43 -23.24
C VAL A 367 7.11 15.14 -24.39
N GLU A 368 7.63 14.67 -25.52
CA GLU A 368 6.88 14.40 -26.78
C GLU A 368 5.79 13.34 -26.53
N VAL A 369 6.12 12.26 -25.81
CA VAL A 369 5.19 11.10 -25.58
C VAL A 369 4.15 11.50 -24.51
N LEU A 370 4.56 12.28 -23.50
CA LEU A 370 3.65 12.77 -22.42
C LEU A 370 2.54 13.63 -23.03
N LEU A 371 2.90 14.54 -23.94
CA LEU A 371 1.95 15.41 -24.68
C LEU A 371 1.09 14.54 -25.61
N LYS A 372 1.69 13.50 -26.20
CA LYS A 372 1.02 12.52 -27.11
C LYS A 372 -0.14 11.85 -26.36
N ASN A 373 0.04 11.54 -25.07
CA ASN A 373 -1.00 10.93 -24.19
C ASN A 373 -1.68 12.02 -23.36
N GLY A 374 -1.82 13.23 -23.93
CA GLY A 374 -2.67 14.32 -23.42
C GLY A 374 -2.25 14.83 -22.05
N ALA A 375 -0.97 15.19 -21.87
CA ALA A 375 -0.46 15.89 -20.67
C ALA A 375 -0.87 17.36 -20.74
N ASP A 376 -1.14 17.99 -19.60
CA ASP A 376 -1.56 19.42 -19.50
C ASP A 376 -0.30 20.29 -19.66
N VAL A 377 -0.13 20.86 -20.86
CA VAL A 377 1.04 21.70 -21.25
C VAL A 377 1.14 22.93 -20.32
N ASN A 378 0.00 23.45 -19.86
CA ASN A 378 -0.07 24.71 -19.06
C ASN A 378 -0.22 24.39 -17.57
N ALA A 379 0.00 23.13 -17.17
CA ALA A 379 -0.07 22.66 -15.76
C ALA A 379 0.78 23.56 -14.87
N ASN A 380 0.29 23.88 -13.66
CA ASN A 380 1.00 24.72 -12.64
C ASN A 380 1.45 23.83 -11.49
N ASP A 381 2.39 24.33 -10.66
CA ASP A 381 2.84 23.70 -9.39
C ASP A 381 2.56 24.68 -8.24
N GLU A 382 3.10 24.41 -7.05
CA GLU A 382 2.96 25.27 -5.84
C GLU A 382 3.39 26.70 -6.17
N ARG A 383 4.67 26.90 -6.50
CA ARG A 383 5.27 28.22 -6.85
C ARG A 383 4.54 28.83 -8.07
N GLY A 384 3.81 28.00 -8.83
CA GLY A 384 2.97 28.43 -9.97
C GLY A 384 3.72 28.34 -11.30
N HIS A 385 4.64 27.37 -11.42
CA HIS A 385 5.51 27.16 -12.61
C HIS A 385 4.85 26.19 -13.59
N THR A 386 4.80 26.57 -14.87
CA THR A 386 4.41 25.71 -16.01
C THR A 386 5.66 25.00 -16.52
N PRO A 387 5.52 23.92 -17.32
CA PRO A 387 6.68 23.26 -17.93
C PRO A 387 7.57 24.22 -18.76
N LEU A 388 6.96 25.21 -19.41
CA LEU A 388 7.65 26.19 -20.30
C LEU A 388 8.59 27.07 -19.48
N HIS A 389 8.28 27.29 -18.18
CA HIS A 389 9.18 28.00 -17.23
C HIS A 389 10.48 27.20 -17.05
N LEU A 390 10.36 25.88 -16.90
CA LEU A 390 11.47 24.96 -16.54
C LEU A 390 12.35 24.68 -17.76
N ALA A 391 11.75 24.57 -18.95
CA ALA A 391 12.43 24.31 -20.24
C ALA A 391 13.19 25.58 -20.70
N ALA A 392 12.72 26.75 -20.28
CA ALA A 392 13.37 28.07 -20.51
C ALA A 392 14.49 28.27 -19.49
N TYR A 393 14.34 27.70 -18.29
CA TYR A 393 15.30 27.77 -17.16
C TYR A 393 16.57 26.99 -17.52
N THR A 394 16.43 25.68 -17.72
CA THR A 394 17.56 24.75 -18.03
C THR A 394 18.05 25.01 -19.45
N GLY A 395 17.19 25.59 -20.30
CA GLY A 395 17.56 26.14 -21.61
C GLY A 395 17.55 25.09 -22.70
N HIS A 396 16.62 24.14 -22.64
CA HIS A 396 16.39 23.14 -23.72
C HIS A 396 15.56 23.80 -24.82
N LEU A 397 16.18 24.06 -25.98
CA LEU A 397 15.59 24.85 -27.09
C LEU A 397 14.35 24.13 -27.66
N GLU A 398 14.51 22.89 -28.08
CA GLU A 398 13.47 22.15 -28.87
C GLU A 398 12.24 21.86 -28.00
N ILE A 399 12.43 21.58 -26.70
CA ILE A 399 11.32 21.39 -25.73
C ILE A 399 10.50 22.67 -25.68
N VAL A 400 11.16 23.83 -25.56
CA VAL A 400 10.50 25.17 -25.59
C VAL A 400 9.66 25.26 -26.87
N GLU A 401 10.19 24.82 -28.00
CA GLU A 401 9.47 24.79 -29.31
C GLU A 401 8.25 23.87 -29.20
N VAL A 402 8.45 22.63 -28.72
CA VAL A 402 7.41 21.56 -28.65
C VAL A 402 6.25 22.02 -27.75
N LEU A 403 6.57 22.53 -26.55
CA LEU A 403 5.57 23.01 -25.56
C LEU A 403 4.71 24.11 -26.20
N LEU A 404 5.34 25.09 -26.85
CA LEU A 404 4.65 26.21 -27.55
C LEU A 404 3.79 25.65 -28.69
N LYS A 405 4.33 24.72 -29.48
CA LYS A 405 3.63 24.05 -30.60
C LYS A 405 2.37 23.34 -30.07
N ASN A 406 2.45 22.78 -28.86
CA ASN A 406 1.33 22.06 -28.20
C ASN A 406 0.57 23.00 -27.26
N GLY A 407 0.70 24.32 -27.47
CA GLY A 407 -0.17 25.36 -26.89
C GLY A 407 0.24 25.76 -25.48
N ALA A 408 1.54 25.96 -25.23
CA ALA A 408 2.08 26.45 -23.94
C ALA A 408 1.78 27.95 -23.80
N GLY A 409 1.43 28.39 -22.59
CA GLY A 409 1.23 29.81 -22.24
C GLY A 409 2.56 30.55 -22.19
N VAL A 410 2.79 31.44 -23.15
CA VAL A 410 4.11 32.10 -23.42
C VAL A 410 4.40 33.12 -22.32
N ASN A 411 3.38 33.88 -21.90
CA ASN A 411 3.50 34.97 -20.89
C ASN A 411 3.19 34.44 -19.49
N ALA A 412 2.68 33.21 -19.37
CA ALA A 412 2.37 32.51 -18.11
C ALA A 412 3.30 33.03 -17.00
N THR A 413 2.71 33.61 -15.94
CA THR A 413 3.46 34.21 -14.79
C THR A 413 3.23 33.34 -13.55
N ASP A 414 4.27 33.20 -12.72
CA ASP A 414 4.26 32.43 -11.45
C ASP A 414 3.81 33.34 -10.31
N VAL A 415 3.86 32.85 -9.07
CA VAL A 415 3.49 33.59 -7.83
C VAL A 415 4.42 34.81 -7.68
N ILE A 416 5.74 34.62 -7.88
CA ILE A 416 6.79 35.65 -7.68
C ILE A 416 6.70 36.73 -8.76
N GLY A 417 5.90 36.51 -9.82
CA GLY A 417 5.67 37.47 -10.91
C GLY A 417 6.56 37.19 -12.11
N THR A 418 7.38 36.14 -12.04
CA THR A 418 8.37 35.74 -13.07
C THR A 418 7.64 35.06 -14.24
N ALA A 419 8.19 35.20 -15.45
CA ALA A 419 7.69 34.64 -16.72
C ALA A 419 8.84 33.92 -17.43
N PRO A 420 8.56 33.05 -18.43
CA PRO A 420 9.62 32.29 -19.10
C PRO A 420 10.74 33.16 -19.70
N LEU A 421 10.39 34.31 -20.27
CA LEU A 421 11.32 35.26 -20.93
C LEU A 421 12.30 35.82 -19.89
N HIS A 422 11.83 36.04 -18.65
CA HIS A 422 12.66 36.48 -17.50
C HIS A 422 13.81 35.48 -17.30
N LEU A 423 13.50 34.18 -17.41
CA LEU A 423 14.41 33.05 -17.06
C LEU A 423 15.44 32.81 -18.17
N ALA A 424 15.02 32.88 -19.43
CA ALA A 424 15.89 32.73 -20.63
C ALA A 424 16.89 33.88 -20.68
N ALA A 425 16.41 35.11 -20.47
CA ALA A 425 17.22 36.35 -20.38
C ALA A 425 18.16 36.28 -19.18
N MET A 426 17.70 35.69 -18.08
CA MET A 426 18.46 35.53 -16.81
C MET A 426 19.69 34.63 -17.07
N TRP A 427 19.46 33.41 -17.56
CA TRP A 427 20.53 32.42 -17.87
C TRP A 427 21.22 32.77 -19.19
N GLY A 428 20.60 33.62 -20.01
CA GLY A 428 21.17 34.10 -21.28
C GLY A 428 21.13 33.03 -22.36
N HIS A 429 19.95 32.45 -22.59
CA HIS A 429 19.66 31.54 -23.73
C HIS A 429 19.10 32.39 -24.89
N LEU A 430 20.00 32.92 -25.74
CA LEU A 430 19.68 33.85 -26.86
C LEU A 430 18.66 33.19 -27.80
N GLU A 431 18.91 31.95 -28.21
CA GLU A 431 18.05 31.18 -29.16
C GLU A 431 16.63 31.05 -28.60
N ILE A 432 16.50 30.78 -27.29
CA ILE A 432 15.19 30.58 -26.60
C ILE A 432 14.46 31.91 -26.52
N VAL A 433 15.17 33.00 -26.23
CA VAL A 433 14.60 34.39 -26.20
C VAL A 433 13.99 34.69 -27.58
N GLU A 434 14.71 34.34 -28.65
CA GLU A 434 14.27 34.52 -30.07
C GLU A 434 12.88 33.89 -30.26
N VAL A 435 12.76 32.58 -30.02
CA VAL A 435 11.50 31.80 -30.25
C VAL A 435 10.40 32.30 -29.30
N LEU A 436 10.76 32.63 -28.05
CA LEU A 436 9.78 33.14 -27.04
C LEU A 436 9.19 34.46 -27.55
N LEU A 437 10.06 35.42 -27.92
CA LEU A 437 9.66 36.71 -28.56
C LEU A 437 8.83 36.41 -29.82
N LYS A 438 9.29 35.45 -30.64
CA LYS A 438 8.65 35.05 -31.93
C LYS A 438 7.23 34.54 -31.66
N ASN A 439 7.02 33.85 -30.53
CA ASN A 439 5.73 33.22 -30.15
C ASN A 439 4.92 34.17 -29.25
N GLY A 440 5.13 35.48 -29.38
CA GLY A 440 4.32 36.52 -28.71
C GLY A 440 4.62 36.62 -27.22
N ALA A 441 5.90 36.72 -26.85
CA ALA A 441 6.35 36.96 -25.47
C ALA A 441 6.28 38.46 -25.17
N ASP A 442 5.81 38.83 -23.98
CA ASP A 442 5.71 40.24 -23.51
C ASP A 442 7.08 40.68 -22.98
N VAL A 443 7.81 41.45 -23.78
CA VAL A 443 9.19 41.92 -23.48
C VAL A 443 9.16 42.92 -22.29
N ASN A 444 8.00 43.51 -22.01
CA ASN A 444 7.81 44.57 -20.98
C ASN A 444 7.52 43.94 -19.60
N ALA A 445 6.92 42.74 -19.56
CA ALA A 445 6.47 42.04 -18.32
C ALA A 445 7.49 42.27 -17.19
N GLN A 446 6.99 42.74 -16.03
CA GLN A 446 7.80 42.98 -14.79
C GLN A 446 7.36 42.01 -13.71
N ASP A 447 8.26 41.68 -12.78
CA ASP A 447 8.02 40.71 -11.66
C ASP A 447 7.64 41.50 -10.39
N LYS A 448 7.54 40.82 -9.25
CA LYS A 448 7.27 41.43 -7.91
C LYS A 448 8.44 42.33 -7.50
N PHE A 449 9.66 42.01 -7.96
CA PHE A 449 10.92 42.72 -7.62
C PHE A 449 11.09 43.98 -8.50
N GLY A 450 10.16 44.20 -9.44
CA GLY A 450 10.13 45.40 -10.31
C GLY A 450 11.18 45.36 -11.40
N LYS A 451 11.66 44.16 -11.75
CA LYS A 451 12.69 43.93 -12.80
C LYS A 451 12.02 43.28 -14.03
N THR A 452 12.26 43.82 -15.22
CA THR A 452 11.83 43.27 -16.54
C THR A 452 12.93 42.34 -17.04
N PRO A 453 12.68 41.51 -18.09
CA PRO A 453 13.73 40.65 -18.64
C PRO A 453 14.89 41.45 -19.24
N PHE A 454 14.62 42.67 -19.73
CA PHE A 454 15.60 43.64 -20.26
C PHE A 454 16.65 43.94 -19.18
N ASP A 455 16.19 44.23 -17.95
CA ASP A 455 17.04 44.50 -16.77
C ASP A 455 17.87 43.25 -16.45
N LEU A 456 17.22 42.10 -16.32
CA LEU A 456 17.84 40.79 -15.95
C LEU A 456 18.98 40.45 -16.92
N ALA A 457 18.78 40.71 -18.22
CA ALA A 457 19.80 40.49 -19.28
C ALA A 457 21.07 41.29 -18.93
N ILE A 458 20.89 42.58 -18.61
CA ILE A 458 21.98 43.53 -18.23
C ILE A 458 22.61 43.07 -16.91
N ASP A 459 21.77 42.64 -15.96
CA ASP A 459 22.16 42.32 -14.56
C ASP A 459 23.00 41.04 -14.51
N ASN A 460 23.07 40.27 -15.60
CA ASN A 460 23.83 38.98 -15.67
C ASN A 460 24.96 39.08 -16.70
N GLY A 461 25.29 40.31 -17.14
CA GLY A 461 26.36 40.59 -18.10
C GLY A 461 26.17 39.84 -19.41
N ASN A 462 24.91 39.62 -19.81
CA ASN A 462 24.53 38.98 -21.10
C ASN A 462 24.34 40.10 -22.14
N GLU A 463 25.44 40.56 -22.74
CA GLU A 463 25.49 41.74 -23.66
C GLU A 463 24.64 41.47 -24.90
N ASP A 464 24.78 40.28 -25.50
CA ASP A 464 24.09 39.88 -26.76
C ASP A 464 22.57 39.83 -26.51
N ILE A 465 22.15 39.01 -25.53
CA ILE A 465 20.72 38.77 -25.16
C ILE A 465 20.03 40.12 -24.92
N ALA A 466 20.69 41.03 -24.19
CA ALA A 466 20.19 42.39 -23.85
C ALA A 466 19.93 43.20 -25.12
N GLU A 467 20.82 43.08 -26.12
CA GLU A 467 20.75 43.82 -27.41
C GLU A 467 19.47 43.43 -28.17
N VAL A 468 19.06 42.16 -28.09
CA VAL A 468 17.91 41.58 -28.85
C VAL A 468 16.59 42.13 -28.31
N LEU A 469 16.48 42.27 -26.97
CA LEU A 469 15.27 42.77 -26.27
C LEU A 469 15.06 44.25 -26.59
N GLN A 470 16.15 45.02 -26.63
CA GLN A 470 16.16 46.46 -27.04
C GLN A 470 15.54 46.58 -28.44
N LYS A 471 16.05 45.78 -29.39
CA LYS A 471 15.57 45.71 -30.79
C LYS A 471 14.09 45.34 -30.80
N ALA A 472 13.71 44.28 -30.08
CA ALA A 472 12.34 43.77 -29.96
C ALA A 472 11.42 44.85 -29.40
N ALA A 473 11.88 45.59 -28.38
CA ALA A 473 11.11 46.61 -27.66
C ALA A 473 10.72 47.77 -28.59
N THR A 474 11.69 48.33 -29.32
CA THR A 474 11.51 49.51 -30.22
C THR A 474 10.58 49.13 -31.38
N ARG A 475 10.60 47.86 -31.81
CA ARG A 475 9.67 47.31 -32.83
C ARG A 475 8.24 47.41 -32.29
N GLU A 476 8.03 46.97 -31.04
CA GLU A 476 6.71 46.99 -30.33
C GLU A 476 6.23 48.44 -30.19
N LEU A 477 7.15 49.37 -29.94
CA LEU A 477 6.87 50.83 -29.83
C LEU A 477 6.24 51.32 -31.14
N GLU A 478 6.81 50.89 -32.28
CA GLU A 478 6.46 51.41 -33.64
C GLU A 478 5.06 50.92 -34.03
N VAL A 479 4.71 49.68 -33.71
CA VAL A 479 3.36 49.09 -34.01
C VAL A 479 2.33 49.70 -33.04
N LEU A 480 2.76 50.10 -31.84
CA LEU A 480 1.94 50.84 -30.84
C LEU A 480 1.74 52.28 -31.32
N PHE A 481 2.76 52.86 -31.97
CA PHE A 481 2.79 54.25 -32.50
C PHE A 481 2.70 55.25 -31.35
C4 Q6Q B . -10.39 -20.79 28.09
C5 Q6Q B . -11.21 -22.04 28.47
C6 Q6Q B . -12.65 -21.63 28.77
C7 Q6Q B . -13.28 -20.98 27.53
C8 Q6Q B . -13.26 -21.98 26.37
C10 Q6Q B . -11.81 -22.39 26.07
C Q6Q B . -11.80 -17.64 28.41
O Q6Q B . -10.87 -17.34 27.66
C1 Q6Q B . -12.47 -19.70 27.15
C2 Q6Q B . -13.11 -19.00 25.95
C3 Q6Q B . -11.01 -20.14 26.84
C9 Q6Q B . -11.19 -23.04 27.31
O1 Q6Q B . -14.29 -19.09 25.75
O2 Q6Q B . -12.43 -18.37 25.19
CL Q6Q B . -17.98 -11.42 32.92
C27 Q6Q B . -16.87 -12.75 32.73
C26 Q6Q B . -15.91 -12.71 31.72
C25 Q6Q B . -15.03 -13.73 31.55
C28 Q6Q B . -16.96 -13.82 33.58
C29 Q6Q B . -16.06 -14.91 33.43
C24 Q6Q B . -15.08 -14.87 32.42
N3 Q6Q B . -16.18 -15.97 34.30
C30 Q6Q B . -15.33 -16.98 34.15
C31 Q6Q B . -14.33 -17.02 33.17
C23 Q6Q B . -14.20 -15.97 32.30
N2 Q6Q B . -13.16 -16.03 31.30
N1 Q6Q B . -13.19 -16.99 30.33
C13 Q6Q B . -12.05 -15.25 31.16
C14 Q6Q B . -11.72 -14.12 32.05
C20 Q6Q B . -11.32 -14.37 33.38
O4 Q6Q B . -11.25 -15.68 33.76
C21 Q6Q B . -10.84 -15.99 35.07
C19 Q6Q B . -11.01 -13.30 34.22
C18 Q6Q B . -11.11 -12.00 33.75
C17 Q6Q B . -11.51 -11.74 32.46
C15 Q6Q B . -11.82 -12.79 31.60
O3 Q6Q B . -12.22 -12.62 30.30
C16 Q6Q B . -12.53 -11.31 29.84
C22 Q6Q B . -11.37 -15.72 30.06
C12 Q6Q B . -12.11 -16.79 29.59
N Q6Q B . -12.57 -18.72 28.25
C11 Q6Q B . -10.99 -21.16 25.68
H4 Q6Q B . -9.46 -21.06 27.89
H3 Q6Q B . -10.39 -20.15 28.84
H5 Q6Q B . -10.81 -22.45 29.28
H6 Q6Q B . -12.68 -21.00 29.54
H7 Q6Q B . -13.18 -22.43 29.02
H8 Q6Q B . -14.21 -20.71 27.73
H10 Q6Q B . -13.79 -22.79 26.61
H9 Q6Q B . -13.67 -21.58 25.57
H13 Q6Q B . -11.80 -23.04 25.33
H2 Q6Q B . -10.49 -19.35 26.59
H11 Q6Q B . -10.26 -23.31 27.12
H12 Q6Q B . -11.70 -23.84 27.56
H27 Q6Q B . -15.86 -11.96 31.15
H26 Q6Q B . -14.38 -13.70 30.88
H28 Q6Q B . -17.61 -13.84 34.25
H29 Q6Q B . -15.40 -17.72 34.74
H30 Q6Q B . -13.75 -17.76 33.10
H22 Q6Q B . -11.44 -15.59 35.72
H24 Q6Q B . -10.84 -16.96 35.19
H23 Q6Q B . -9.93 -15.65 35.23
H21 Q6Q B . -10.74 -13.46 35.11
H20 Q6Q B . -10.91 -11.28 34.33
H19 Q6Q B . -11.57 -10.85 32.16
H16 Q6Q B . -11.72 -10.79 29.75
H18 Q6Q B . -12.98 -11.36 28.98
H17 Q6Q B . -13.13 -10.87 30.47
H25 Q6Q B . -10.57 -15.38 29.71
H Q6Q B . -13.20 -18.86 28.84
H14 Q6Q B . -10.07 -21.42 25.48
H15 Q6Q B . -11.38 -20.74 24.87
#